data_6XOF
#
_entry.id   6XOF
#
_cell.length_a   42.855
_cell.length_b   46.673
_cell.length_c   115.055
_cell.angle_alpha   90.000
_cell.angle_beta   90.000
_cell.angle_gamma   90.000
#
_symmetry.space_group_name_H-M   'P 21 21 21'
#
loop_
_entity.id
_entity.type
_entity.pdbx_description
1 polymer 'GH16 family protein'
2 non-polymer 'CALCIUM ION'
3 non-polymer GLYCEROL
4 water water
#
_entity_poly.entity_id   1
_entity_poly.type   'polypeptide(L)'
_entity_poly.pdbx_seq_one_letter_code
;GSHMQQPEGVTAPGNEPMAIPSDYKLVWADEFNTPGAPDAKKWRYDTSRNKEGWYNNELQYYAAGRPENVRVENGNLVIE
TRKERLTSMADYGGQEYSSGKLFTQGLADWQYGYVEVRAKLACGKGMWPAIWMMASDGSTGWPALGEIDIMEMVAWDPTT
IHGTIHTKAYNHVIHTQKGSRTTAADPCGQFHTYSLDWTKDRMLIGVDGHAYMRFDNDHKGNHDTWPFDSPQYLILNVAI
GGWGGQQGVDAAAFPSKMEVDYVRVYQKR
;
_entity_poly.pdbx_strand_id   A
#
loop_
_chem_comp.id
_chem_comp.type
_chem_comp.name
_chem_comp.formula
CA non-polymer 'CALCIUM ION' 'Ca 2'
GOL non-polymer GLYCEROL 'C3 H8 O3'
#
# COMPACT_ATOMS: atom_id res chain seq x y z
N SER A 2 -3.03 0.77 17.61
CA SER A 2 -2.06 1.34 16.67
C SER A 2 -2.54 2.68 16.12
N HIS A 3 -1.56 3.45 15.67
CA HIS A 3 -1.79 4.79 15.07
C HIS A 3 -0.48 5.24 14.44
N MET A 4 -0.57 5.96 13.34
CA MET A 4 0.64 6.43 12.65
C MET A 4 1.04 7.79 13.28
N GLN A 5 1.62 7.71 14.47
CA GLN A 5 2.11 8.83 15.30
C GLN A 5 1.00 9.86 15.49
N GLN A 6 -0.16 9.35 15.89
CA GLN A 6 -1.40 10.12 16.14
C GLN A 6 -2.08 9.52 17.36
N PRO A 7 -1.51 9.67 18.57
CA PRO A 7 -1.93 8.82 19.67
C PRO A 7 -3.31 9.21 20.19
N GLU A 8 -3.65 10.51 20.17
CA GLU A 8 -4.87 10.99 20.87
C GLU A 8 -5.89 11.60 19.88
N GLY A 9 -5.80 11.29 18.59
CA GLY A 9 -6.77 11.72 17.61
C GLY A 9 -6.28 11.36 16.21
N VAL A 10 -6.93 11.94 15.24
CA VAL A 10 -6.60 11.76 13.82
C VAL A 10 -6.33 13.14 13.22
N THR A 11 -5.41 13.22 12.28
CA THR A 11 -5.04 14.50 11.70
C THR A 11 -5.74 14.81 10.41
N ALA A 12 -6.46 13.85 9.79
CA ALA A 12 -7.19 14.08 8.53
C ALA A 12 -8.51 13.33 8.56
N PRO A 13 -9.44 13.72 9.48
CA PRO A 13 -10.69 12.99 9.69
C PRO A 13 -11.57 13.09 8.44
N GLY A 14 -12.15 11.95 8.08
CA GLY A 14 -13.18 11.81 7.04
C GLY A 14 -14.36 11.07 7.64
N ASN A 15 -15.55 11.28 7.12
CA ASN A 15 -16.75 10.53 7.55
C ASN A 15 -17.83 10.78 6.50
N GLU A 16 -17.71 10.17 5.35
CA GLU A 16 -18.68 10.37 4.28
C GLU A 16 -18.63 9.18 3.37
N PRO A 17 -19.71 8.91 2.64
CA PRO A 17 -19.72 7.80 1.68
C PRO A 17 -18.82 8.05 0.49
N MET A 18 -18.24 6.95 -0.04
CA MET A 18 -17.46 7.06 -1.28
C MET A 18 -17.97 6.00 -2.26
N ALA A 19 -17.91 6.34 -3.54
CA ALA A 19 -18.35 5.41 -4.56
C ALA A 19 -17.78 5.86 -5.89
N ILE A 20 -17.70 4.93 -6.83
CA ILE A 20 -17.20 5.27 -8.17
C ILE A 20 -18.09 6.36 -8.74
N PRO A 21 -17.55 7.55 -9.08
CA PRO A 21 -18.34 8.62 -9.68
C PRO A 21 -19.06 8.19 -10.95
N SER A 22 -20.24 8.78 -11.16
CA SER A 22 -21.12 8.38 -12.26
C SER A 22 -20.49 8.66 -13.64
N ASP A 23 -19.56 9.60 -13.73
CA ASP A 23 -18.98 10.00 -15.04
C ASP A 23 -17.63 9.34 -15.24
N TYR A 24 -17.24 8.42 -14.38
CA TYR A 24 -15.94 7.72 -14.50
C TYR A 24 -16.17 6.42 -15.29
N LYS A 25 -15.06 5.89 -15.81
CA LYS A 25 -14.98 4.57 -16.49
C LYS A 25 -13.76 3.85 -15.98
N LEU A 26 -13.80 2.53 -16.06
CA LEU A 26 -12.63 1.69 -15.67
C LEU A 26 -11.52 1.97 -16.71
N VAL A 27 -10.33 2.38 -16.25
CA VAL A 27 -9.24 2.66 -17.22
C VAL A 27 -8.13 1.66 -17.00
N TRP A 28 -8.15 0.89 -15.91
CA TRP A 28 -7.09 -0.11 -15.66
C TRP A 28 -7.59 -1.11 -14.64
N ALA A 29 -7.27 -2.36 -14.85
CA ALA A 29 -7.62 -3.39 -13.87
C ALA A 29 -6.65 -4.55 -13.91
N ASP A 30 -6.53 -5.24 -12.80
CA ASP A 30 -6.01 -6.62 -12.81
C ASP A 30 -6.93 -7.41 -11.91
N GLU A 31 -7.50 -8.48 -12.45
CA GLU A 31 -8.46 -9.37 -11.78
C GLU A 31 -7.75 -10.62 -11.27
N PHE A 32 -6.48 -10.81 -11.60
CA PHE A 32 -5.65 -11.90 -11.05
C PHE A 32 -6.28 -13.26 -11.27
N ASN A 33 -6.81 -13.46 -12.47
CA ASN A 33 -7.44 -14.72 -12.87
C ASN A 33 -6.57 -15.52 -13.85
N THR A 34 -5.26 -15.31 -13.87
CA THR A 34 -4.33 -16.00 -14.79
C THR A 34 -3.20 -16.52 -13.93
N PRO A 35 -3.30 -17.78 -13.48
CA PRO A 35 -2.32 -18.27 -12.53
C PRO A 35 -0.88 -18.22 -13.04
N GLY A 36 -0.01 -17.96 -12.09
CA GLY A 36 1.46 -17.96 -12.27
C GLY A 36 2.02 -16.61 -11.95
N ALA A 37 2.95 -16.10 -12.73
CA ALA A 37 3.60 -14.83 -12.37
C ALA A 37 2.61 -13.73 -12.68
N PRO A 38 2.72 -12.57 -12.01
CA PRO A 38 1.93 -11.40 -12.37
C PRO A 38 2.26 -10.92 -13.80
N ASP A 39 1.25 -10.34 -14.43
CA ASP A 39 1.36 -9.83 -15.81
C ASP A 39 2.41 -8.74 -15.85
N ALA A 40 3.46 -8.94 -16.64
CA ALA A 40 4.59 -8.01 -16.68
C ALA A 40 4.27 -6.76 -17.51
N LYS A 41 3.13 -6.71 -18.16
CA LYS A 41 2.67 -5.43 -18.74
C LYS A 41 2.02 -4.54 -17.67
N LYS A 42 1.75 -5.06 -16.48
CA LYS A 42 1.02 -4.33 -15.40
CA LYS A 42 1.02 -4.32 -15.40
C LYS A 42 1.93 -4.10 -14.19
N TRP A 43 2.81 -5.06 -13.87
CA TRP A 43 3.54 -5.10 -12.59
C TRP A 43 5.03 -5.33 -12.80
N ARG A 44 5.84 -4.60 -12.05
CA ARG A 44 7.26 -4.82 -11.85
C ARG A 44 7.52 -5.17 -10.39
N TYR A 45 8.61 -5.86 -10.16
CA TYR A 45 9.08 -6.11 -8.79
C TYR A 45 9.97 -4.97 -8.36
N ASP A 46 9.86 -4.48 -7.13
CA ASP A 46 10.79 -3.45 -6.64
C ASP A 46 11.93 -4.15 -5.89
N THR A 47 13.13 -4.07 -6.45
CA THR A 47 14.34 -4.64 -5.83
C THR A 47 15.29 -3.50 -5.42
N SER A 48 14.83 -2.26 -5.47
CA SER A 48 15.73 -1.08 -5.43
C SER A 48 16.59 -1.08 -4.16
N ARG A 49 16.08 -1.52 -3.01
CA ARG A 49 16.82 -1.46 -1.72
C ARG A 49 17.08 -2.83 -1.11
N ASN A 50 17.06 -3.91 -1.91
CA ASN A 50 17.34 -5.24 -1.34
C ASN A 50 18.77 -5.28 -0.82
N LYS A 51 19.72 -4.75 -1.57
CA LYS A 51 21.12 -4.91 -1.12
C LYS A 51 21.47 -3.89 -0.02
N GLU A 52 20.88 -2.73 -0.13
CA GLU A 52 21.17 -1.57 0.72
C GLU A 52 20.43 -1.69 2.07
N GLY A 53 19.31 -2.42 2.12
CA GLY A 53 18.39 -2.45 3.26
C GLY A 53 17.22 -1.53 3.01
N TRP A 54 16.03 -2.04 3.30
CA TRP A 54 14.81 -1.26 3.17
C TRP A 54 14.77 -0.26 4.33
N TYR A 55 13.78 0.63 4.29
CA TYR A 55 13.65 1.74 5.25
C TYR A 55 12.88 1.25 6.48
N ASN A 56 12.73 2.12 7.45
CA ASN A 56 11.73 1.96 8.54
C ASN A 56 12.10 0.86 9.52
N ASN A 57 13.34 0.41 9.54
CA ASN A 57 13.75 -0.75 10.39
C ASN A 57 13.06 -2.02 9.91
N GLU A 58 12.68 -2.04 8.63
CA GLU A 58 12.09 -3.26 8.03
C GLU A 58 13.10 -4.40 7.93
N LEU A 59 12.59 -5.62 7.87
CA LEU A 59 13.41 -6.85 8.03
C LEU A 59 13.41 -7.69 6.76
N GLN A 60 12.55 -7.35 5.80
CA GLN A 60 12.37 -8.22 4.62
C GLN A 60 13.31 -7.90 3.46
N TYR A 61 13.58 -8.95 2.70
CA TYR A 61 14.16 -8.94 1.35
C TYR A 61 12.95 -9.16 0.41
N TYR A 62 12.76 -8.30 -0.61
CA TYR A 62 11.66 -8.44 -1.58
C TYR A 62 12.18 -9.23 -2.79
N ALA A 63 11.72 -10.47 -2.88
CA ALA A 63 12.19 -11.40 -3.95
C ALA A 63 11.44 -11.14 -5.25
N ALA A 64 12.16 -11.09 -6.36
CA ALA A 64 11.60 -10.90 -7.71
C ALA A 64 11.55 -12.27 -8.41
N GLY A 65 10.43 -12.52 -9.09
CA GLY A 65 10.34 -13.72 -9.96
C GLY A 65 10.27 -14.98 -9.17
N ARG A 66 9.79 -14.90 -7.93
CA ARG A 66 9.86 -16.02 -7.00
C ARG A 66 8.43 -16.33 -6.61
N PRO A 67 7.78 -17.39 -7.15
CA PRO A 67 6.41 -17.72 -6.81
C PRO A 67 6.18 -17.95 -5.31
N GLU A 68 7.19 -18.35 -4.55
CA GLU A 68 7.03 -18.59 -3.09
C GLU A 68 6.66 -17.28 -2.40
N ASN A 69 7.00 -16.13 -2.97
CA ASN A 69 6.71 -14.80 -2.38
C ASN A 69 5.65 -14.04 -3.15
N VAL A 70 5.58 -14.18 -4.47
CA VAL A 70 4.60 -13.42 -5.30
C VAL A 70 4.05 -14.39 -6.35
N ARG A 71 2.76 -14.74 -6.28
CA ARG A 71 2.18 -15.61 -7.29
C ARG A 71 0.72 -15.27 -7.49
N VAL A 72 0.22 -15.49 -8.69
CA VAL A 72 -1.22 -15.40 -8.92
C VAL A 72 -1.77 -16.82 -8.77
N GLU A 73 -2.78 -16.97 -7.93
CA GLU A 73 -3.29 -18.28 -7.48
C GLU A 73 -4.76 -18.12 -7.13
N ASN A 74 -5.60 -18.95 -7.75
CA ASN A 74 -6.99 -19.18 -7.31
C ASN A 74 -7.72 -17.83 -7.26
N GLY A 75 -7.46 -16.98 -8.25
CA GLY A 75 -8.22 -15.72 -8.45
C GLY A 75 -7.69 -14.54 -7.64
N ASN A 76 -6.56 -14.71 -6.97
CA ASN A 76 -5.93 -13.62 -6.19
C ASN A 76 -4.43 -13.51 -6.56
N LEU A 77 -3.93 -12.28 -6.45
CA LEU A 77 -2.49 -12.08 -6.21
C LEU A 77 -2.18 -12.47 -4.76
N VAL A 78 -1.17 -13.29 -4.61
CA VAL A 78 -0.65 -13.70 -3.29
C VAL A 78 0.70 -13.05 -3.09
N ILE A 79 0.86 -12.31 -2.01
CA ILE A 79 2.20 -11.85 -1.57
C ILE A 79 2.41 -12.54 -0.22
N GLU A 80 3.47 -13.32 -0.13
CA GLU A 80 3.63 -14.23 1.02
C GLU A 80 4.97 -13.94 1.67
N THR A 81 4.90 -13.76 2.99
CA THR A 81 6.12 -13.58 3.80
C THR A 81 6.65 -14.95 4.26
N ARG A 82 7.96 -15.10 4.33
CA ARG A 82 8.63 -16.33 4.75
C ARG A 82 9.84 -15.99 5.59
N LYS A 83 10.14 -16.85 6.53
CA LYS A 83 11.35 -16.73 7.36
CA LYS A 83 11.36 -16.74 7.37
C LYS A 83 12.45 -17.59 6.73
N GLU A 84 13.39 -16.96 6.09
CA GLU A 84 14.42 -17.60 5.26
C GLU A 84 15.40 -16.57 4.80
N ARG A 85 16.64 -17.02 4.56
CA ARG A 85 17.70 -16.10 4.09
C ARG A 85 17.98 -16.45 2.63
N LEU A 86 17.67 -15.59 1.66
CA LEU A 86 17.86 -15.92 0.24
C LEU A 86 19.28 -15.45 -0.14
N THR A 87 20.25 -16.15 0.41
CA THR A 87 21.69 -15.74 0.37
C THR A 87 22.31 -15.82 -1.02
N SER A 88 21.71 -16.53 -1.96
CA SER A 88 22.20 -16.75 -3.35
CA SER A 88 22.38 -16.61 -3.29
C SER A 88 21.73 -15.62 -4.26
N MET A 89 20.84 -14.78 -3.79
CA MET A 89 20.37 -13.68 -4.66
CA MET A 89 20.37 -13.68 -4.67
C MET A 89 21.52 -12.66 -4.81
N ALA A 90 21.71 -12.19 -6.02
CA ALA A 90 22.79 -11.23 -6.29
C ALA A 90 22.60 -9.97 -5.48
N ASP A 91 21.37 -9.54 -5.25
CA ASP A 91 21.07 -8.35 -4.44
C ASP A 91 20.71 -8.72 -3.01
N TYR A 92 21.10 -9.89 -2.49
CA TYR A 92 20.86 -10.20 -1.07
C TYR A 92 21.46 -9.14 -0.15
N GLY A 93 20.71 -8.75 0.88
CA GLY A 93 21.14 -7.71 1.83
C GLY A 93 21.29 -8.16 3.28
N GLY A 94 21.43 -9.45 3.58
CA GLY A 94 21.56 -9.92 4.96
C GLY A 94 20.26 -10.22 5.67
N GLN A 95 19.13 -10.15 4.97
CA GLN A 95 17.82 -10.25 5.66
C GLN A 95 17.51 -11.69 6.06
N GLU A 96 16.68 -11.81 7.07
CA GLU A 96 16.23 -13.11 7.62
C GLU A 96 14.85 -13.47 7.13
N TYR A 97 14.24 -12.63 6.28
CA TYR A 97 12.87 -12.89 5.79
C TYR A 97 12.77 -12.51 4.34
N SER A 98 11.83 -13.13 3.64
CA SER A 98 11.52 -12.77 2.25
C SER A 98 10.05 -12.37 2.16
N SER A 99 9.75 -11.48 1.23
CA SER A 99 8.37 -11.07 0.94
C SER A 99 8.31 -10.56 -0.48
N GLY A 100 7.21 -9.92 -0.83
CA GLY A 100 7.03 -9.35 -2.16
C GLY A 100 6.59 -7.90 -2.13
N LYS A 101 7.06 -7.18 -3.14
CA LYS A 101 6.68 -5.78 -3.41
C LYS A 101 6.55 -5.56 -4.90
N LEU A 102 5.31 -5.34 -5.36
CA LEU A 102 5.01 -5.09 -6.75
C LEU A 102 4.64 -3.63 -6.93
N PHE A 103 4.90 -3.07 -8.09
CA PHE A 103 4.43 -1.71 -8.38
C PHE A 103 4.21 -1.58 -9.88
N THR A 104 3.50 -0.53 -10.25
CA THR A 104 3.19 -0.20 -11.66
C THR A 104 4.09 0.90 -12.17
N GLN A 105 5.11 1.27 -11.44
CA GLN A 105 6.08 2.31 -11.82
C GLN A 105 6.63 2.01 -13.22
N GLY A 106 6.50 2.99 -14.09
CA GLY A 106 6.99 2.89 -15.47
C GLY A 106 6.05 2.15 -16.38
N LEU A 107 4.94 1.57 -15.90
CA LEU A 107 3.98 0.82 -16.71
C LEU A 107 2.63 1.52 -16.76
N ALA A 108 2.13 2.02 -15.63
CA ALA A 108 0.78 2.58 -15.48
C ALA A 108 0.82 3.58 -14.34
N ASP A 109 0.26 4.75 -14.61
CA ASP A 109 0.09 5.75 -13.54
C ASP A 109 -1.13 6.58 -13.90
N TRP A 110 -1.61 7.31 -12.88
CA TRP A 110 -2.85 8.09 -12.99
C TRP A 110 -2.72 9.41 -12.25
N GLN A 111 -3.29 10.46 -12.85
CA GLN A 111 -3.53 11.72 -12.14
C GLN A 111 -5.05 11.86 -11.90
N TYR A 112 -5.44 11.82 -10.63
CA TYR A 112 -6.83 11.78 -10.16
C TYR A 112 -7.42 10.43 -10.52
N GLY A 113 -8.43 10.07 -9.79
CA GLY A 113 -9.21 8.88 -10.07
C GLY A 113 -9.65 8.19 -8.79
N TYR A 114 -10.44 7.17 -9.03
CA TYR A 114 -11.01 6.30 -7.98
C TYR A 114 -10.28 4.99 -8.09
N VAL A 115 -9.56 4.61 -7.01
CA VAL A 115 -8.74 3.37 -7.02
C VAL A 115 -9.40 2.45 -5.99
N GLU A 116 -9.71 1.24 -6.38
CA GLU A 116 -10.36 0.24 -5.50
C GLU A 116 -9.51 -1.01 -5.52
N VAL A 117 -9.12 -1.50 -4.35
CA VAL A 117 -8.29 -2.72 -4.21
C VAL A 117 -9.00 -3.59 -3.23
N ARG A 118 -9.41 -4.77 -3.67
CA ARG A 118 -10.16 -5.70 -2.79
C ARG A 118 -9.17 -6.70 -2.29
N ALA A 119 -9.00 -6.81 -1.00
CA ALA A 119 -7.90 -7.62 -0.44
C ALA A 119 -8.28 -8.25 0.89
N LYS A 120 -7.56 -9.30 1.22
CA LYS A 120 -7.54 -9.99 2.52
C LYS A 120 -6.11 -9.90 3.04
N LEU A 121 -5.92 -9.39 4.24
CA LEU A 121 -4.57 -8.92 4.61
C LEU A 121 -3.73 -10.04 5.27
N ALA A 122 -2.44 -9.72 5.48
CA ALA A 122 -1.46 -10.65 6.07
C ALA A 122 -1.36 -10.37 7.56
N CYS A 123 -1.57 -11.42 8.36
CA CYS A 123 -1.57 -11.33 9.81
C CYS A 123 -0.38 -12.06 10.44
N GLY A 124 -0.28 -11.94 11.76
CA GLY A 124 0.85 -12.48 12.50
C GLY A 124 1.68 -11.30 12.96
N LYS A 125 2.02 -11.20 14.24
CA LYS A 125 2.85 -10.07 14.74
C LYS A 125 4.13 -10.00 13.94
N GLY A 126 4.45 -8.79 13.47
CA GLY A 126 5.57 -8.58 12.56
C GLY A 126 5.09 -8.07 11.21
N MET A 127 3.93 -8.51 10.74
CA MET A 127 3.47 -8.23 9.37
C MET A 127 2.97 -6.81 9.25
N TRP A 128 3.17 -6.26 8.06
CA TRP A 128 2.84 -4.84 7.79
C TRP A 128 2.43 -4.75 6.32
N PRO A 129 1.24 -5.24 5.97
CA PRO A 129 0.76 -5.12 4.60
C PRO A 129 0.40 -3.68 4.26
N ALA A 130 0.56 -3.28 3.01
CA ALA A 130 0.23 -1.94 2.52
C ALA A 130 -0.17 -1.95 1.05
N ILE A 131 -1.01 -0.99 0.72
CA ILE A 131 -1.51 -0.64 -0.60
C ILE A 131 -1.32 0.88 -0.69
N TRP A 132 -0.48 1.36 -1.61
CA TRP A 132 -0.13 2.79 -1.56
C TRP A 132 0.37 3.27 -2.90
N MET A 133 0.67 4.54 -3.04
CA MET A 133 1.04 5.16 -4.32
C MET A 133 2.16 6.17 -4.07
N MET A 134 2.98 6.36 -5.08
CA MET A 134 3.99 7.44 -5.07
CA MET A 134 4.07 7.36 -5.12
C MET A 134 3.98 8.12 -6.44
N ALA A 135 4.45 9.36 -6.48
CA ALA A 135 4.44 10.12 -7.75
C ALA A 135 5.40 9.50 -8.76
N SER A 136 5.01 9.52 -10.02
CA SER A 136 5.88 9.06 -11.13
C SER A 136 7.12 9.97 -11.28
N ASP A 137 6.99 11.27 -11.09
CA ASP A 137 8.15 12.22 -11.29
C ASP A 137 8.65 12.72 -9.92
N GLY A 141 12.15 15.12 -5.20
CA GLY A 141 12.52 14.01 -4.31
C GLY A 141 11.30 13.59 -3.49
N TRP A 142 11.55 12.74 -2.54
CA TRP A 142 10.56 12.25 -1.55
C TRP A 142 10.90 12.94 -0.23
N PRO A 143 9.89 13.32 0.61
CA PRO A 143 8.45 13.15 0.37
C PRO A 143 7.73 14.25 -0.40
N ALA A 144 8.47 15.24 -0.92
CA ALA A 144 7.85 16.39 -1.60
C ALA A 144 6.97 15.95 -2.78
N LEU A 145 7.33 14.86 -3.48
CA LEU A 145 6.57 14.44 -4.70
C LEU A 145 5.18 13.89 -4.32
N GLY A 146 4.98 13.56 -3.03
CA GLY A 146 3.65 13.07 -2.59
C GLY A 146 3.58 11.56 -2.49
N GLU A 147 3.07 11.09 -1.38
CA GLU A 147 2.84 9.64 -1.17
C GLU A 147 1.41 9.46 -0.67
N ILE A 148 0.70 8.45 -1.18
CA ILE A 148 -0.72 8.19 -0.79
C ILE A 148 -0.80 6.80 -0.22
N ASP A 149 -0.93 6.65 1.07
CA ASP A 149 -1.07 5.31 1.68
C ASP A 149 -2.56 5.02 1.79
N ILE A 150 -3.06 4.25 0.84
CA ILE A 150 -4.49 3.88 0.78
C ILE A 150 -4.82 2.93 1.90
N MET A 151 -3.94 2.02 2.26
CA MET A 151 -4.23 1.02 3.29
C MET A 151 -2.90 0.67 3.92
N GLU A 152 -2.72 0.90 5.21
CA GLU A 152 -1.70 0.16 5.96
C GLU A 152 -2.42 -0.57 7.09
N MET A 153 -1.85 -1.66 7.50
CA MET A 153 -2.23 -2.36 8.73
C MET A 153 -0.96 -2.94 9.34
N VAL A 154 -0.92 -2.92 10.67
CA VAL A 154 0.17 -3.58 11.42
C VAL A 154 -0.43 -4.65 12.31
N ALA A 155 0.09 -5.87 12.16
CA ALA A 155 -0.68 -7.07 12.56
C ALA A 155 -0.60 -7.37 14.07
N TRP A 156 0.03 -6.50 14.87
CA TRP A 156 -0.16 -6.48 16.33
C TRP A 156 -1.52 -5.83 16.65
N ASP A 157 -2.11 -5.13 15.68
CA ASP A 157 -3.43 -4.47 15.83
C ASP A 157 -4.19 -4.63 14.51
N PRO A 158 -4.52 -5.89 14.17
CA PRO A 158 -4.85 -6.24 12.79
C PRO A 158 -6.22 -5.77 12.31
N THR A 159 -7.09 -5.30 13.21
CA THR A 159 -8.40 -4.74 12.77
C THR A 159 -8.36 -3.24 12.48
N THR A 160 -7.26 -2.59 12.81
CA THR A 160 -7.13 -1.16 12.57
C THR A 160 -6.54 -0.98 11.17
N ILE A 161 -7.25 -0.20 10.37
CA ILE A 161 -6.84 0.22 9.01
C ILE A 161 -6.43 1.68 9.08
N HIS A 162 -5.31 2.02 8.45
CA HIS A 162 -4.71 3.37 8.45
C HIS A 162 -4.65 3.93 7.04
N GLY A 163 -5.01 5.19 6.90
CA GLY A 163 -4.99 5.87 5.61
C GLY A 163 -4.29 7.16 5.80
N THR A 164 -3.25 7.43 5.02
CA THR A 164 -2.28 8.52 5.35
C THR A 164 -1.75 9.12 4.05
N ILE A 165 -1.53 10.40 4.01
CA ILE A 165 -0.74 11.03 2.94
C ILE A 165 0.49 11.75 3.51
N HIS A 166 1.49 11.88 2.64
CA HIS A 166 2.75 12.58 2.94
C HIS A 166 3.10 13.54 1.81
N THR A 167 3.59 14.70 2.21
CA THR A 167 3.97 15.83 1.36
C THR A 167 5.19 16.48 1.99
N LYS A 168 5.76 17.47 1.35
CA LYS A 168 6.91 18.16 2.00
C LYS A 168 6.48 18.68 3.39
N ALA A 169 5.32 19.32 3.49
CA ALA A 169 4.88 19.96 4.76
C ALA A 169 4.47 18.86 5.75
N TYR A 170 3.86 17.79 5.27
CA TYR A 170 3.11 16.81 6.08
C TYR A 170 3.66 15.41 5.85
N ASN A 171 4.59 14.97 6.68
CA ASN A 171 5.22 13.67 6.39
C ASN A 171 5.81 13.08 7.65
N HIS A 172 6.08 11.78 7.59
CA HIS A 172 6.49 11.06 8.82
C HIS A 172 7.93 11.37 9.24
N VAL A 173 8.76 11.99 8.41
CA VAL A 173 10.14 12.30 8.84
C VAL A 173 10.07 13.38 9.91
N ILE A 174 9.15 14.33 9.77
CA ILE A 174 8.95 15.38 10.78
C ILE A 174 7.62 15.16 11.52
N HIS A 175 6.94 14.02 11.36
CA HIS A 175 5.76 13.59 12.17
C HIS A 175 4.56 14.50 11.91
N THR A 176 4.51 15.10 10.75
CA THR A 176 3.40 16.01 10.37
C THR A 176 2.45 15.40 9.33
N GLN A 177 2.49 14.09 9.16
CA GLN A 177 1.58 13.40 8.20
C GLN A 177 0.10 13.64 8.54
N LYS A 178 -0.69 13.63 7.49
CA LYS A 178 -2.16 13.80 7.53
C LYS A 178 -2.82 12.47 7.30
N GLY A 179 -3.50 11.95 8.31
CA GLY A 179 -4.07 10.62 8.17
C GLY A 179 -5.25 10.38 9.11
N SER A 180 -5.86 9.23 8.93
CA SER A 180 -6.91 8.74 9.85
C SER A 180 -6.82 7.23 9.96
N ARG A 181 -7.77 6.67 10.68
CA ARG A 181 -7.81 5.22 10.89
C ARG A 181 -9.25 4.81 11.11
N THR A 182 -9.52 3.51 11.00
CA THR A 182 -10.83 2.96 11.32
C THR A 182 -10.63 1.50 11.73
N THR A 183 -11.73 0.84 12.03
CA THR A 183 -11.76 -0.60 12.34
C THR A 183 -12.49 -1.33 11.22
N ALA A 184 -11.91 -2.44 10.76
CA ALA A 184 -12.56 -3.37 9.80
C ALA A 184 -12.60 -4.77 10.38
N ALA A 185 -13.66 -5.51 10.07
CA ALA A 185 -13.85 -6.87 10.61
C ALA A 185 -12.86 -7.88 10.03
N ASP A 186 -12.14 -8.57 10.90
CA ASP A 186 -11.25 -9.68 10.56
C ASP A 186 -10.59 -9.45 9.20
N PRO A 187 -9.77 -8.40 9.01
CA PRO A 187 -9.24 -8.13 7.68
C PRO A 187 -8.35 -9.20 7.05
N CYS A 188 -7.79 -10.09 7.86
CA CYS A 188 -6.96 -11.20 7.35
C CYS A 188 -7.81 -12.40 7.01
N GLY A 189 -9.08 -12.42 7.41
CA GLY A 189 -9.97 -13.59 7.19
C GLY A 189 -11.09 -13.32 6.24
N GLN A 190 -11.35 -12.06 5.88
CA GLN A 190 -12.41 -11.73 4.92
C GLN A 190 -11.92 -10.59 4.05
N PHE A 191 -12.48 -10.50 2.86
CA PHE A 191 -12.11 -9.43 1.93
C PHE A 191 -12.83 -8.13 2.36
N HIS A 192 -12.09 -7.05 2.18
CA HIS A 192 -12.61 -5.66 2.16
C HIS A 192 -12.15 -4.94 0.91
N THR A 193 -12.85 -3.88 0.56
CA THR A 193 -12.42 -2.97 -0.54
C THR A 193 -11.81 -1.71 0.06
N TYR A 194 -10.56 -1.47 -0.29
CA TYR A 194 -9.78 -0.30 0.19
C TYR A 194 -9.75 0.67 -0.95
N SER A 195 -10.14 1.91 -0.73
CA SER A 195 -10.44 2.83 -1.84
CA SER A 195 -10.43 2.84 -1.85
C SER A 195 -9.85 4.22 -1.62
N LEU A 196 -9.51 4.84 -2.73
CA LEU A 196 -9.06 6.25 -2.82
C LEU A 196 -9.97 6.94 -3.82
N ASP A 197 -10.55 8.06 -3.44
CA ASP A 197 -11.16 8.99 -4.39
C ASP A 197 -10.32 10.26 -4.38
N TRP A 198 -9.55 10.43 -5.43
CA TRP A 198 -8.60 11.55 -5.59
C TRP A 198 -9.11 12.47 -6.69
N THR A 199 -9.40 13.71 -6.30
CA THR A 199 -9.69 14.80 -7.27
C THR A 199 -8.73 15.97 -7.01
N LYS A 200 -8.82 16.98 -7.87
CA LYS A 200 -8.07 18.24 -7.66
C LYS A 200 -8.46 18.84 -6.32
N ASP A 201 -9.64 18.57 -5.79
CA ASP A 201 -10.13 19.32 -4.61
C ASP A 201 -9.78 18.57 -3.33
N ARG A 202 -9.70 17.23 -3.32
CA ARG A 202 -9.52 16.48 -2.05
C ARG A 202 -9.24 14.99 -2.33
N MET A 203 -8.64 14.35 -1.34
CA MET A 203 -8.69 12.88 -1.34
CA MET A 203 -8.51 12.87 -1.19
C MET A 203 -9.55 12.35 -0.21
N LEU A 204 -10.25 11.28 -0.55
CA LEU A 204 -10.97 10.46 0.41
C LEU A 204 -10.27 9.10 0.41
N ILE A 205 -10.01 8.56 1.58
CA ILE A 205 -9.53 7.15 1.74
C ILE A 205 -10.52 6.42 2.61
N GLY A 206 -10.88 5.24 2.16
CA GLY A 206 -11.97 4.49 2.80
C GLY A 206 -11.81 2.99 2.79
N VAL A 207 -12.80 2.37 3.39
CA VAL A 207 -12.97 0.88 3.45
CA VAL A 207 -12.97 0.90 3.26
C VAL A 207 -14.46 0.61 3.16
N ASP A 208 -14.77 -0.26 2.24
CA ASP A 208 -16.17 -0.72 2.03
C ASP A 208 -17.12 0.47 1.83
N GLY A 209 -16.67 1.46 1.03
CA GLY A 209 -17.55 2.57 0.62
C GLY A 209 -17.69 3.66 1.64
N HIS A 210 -16.98 3.62 2.77
CA HIS A 210 -16.99 4.67 3.82
C HIS A 210 -15.61 5.30 3.80
N ALA A 211 -15.55 6.59 3.56
CA ALA A 211 -14.34 7.38 3.75
C ALA A 211 -14.15 7.61 5.24
N TYR A 212 -13.01 7.23 5.79
CA TYR A 212 -12.65 7.53 7.20
C TYR A 212 -11.52 8.56 7.27
N MET A 213 -11.02 8.95 6.10
CA MET A 213 -9.89 9.87 5.97
C MET A 213 -10.24 10.87 4.88
N ARG A 214 -10.00 12.16 5.12
CA ARG A 214 -10.19 13.22 4.11
C ARG A 214 -9.05 14.22 4.19
N PHE A 215 -8.43 14.47 3.03
CA PHE A 215 -7.36 15.48 2.94
C PHE A 215 -7.71 16.44 1.83
N ASP A 216 -7.93 17.70 2.19
CA ASP A 216 -8.36 18.74 1.24
C ASP A 216 -7.14 19.44 0.60
N ASN A 217 -7.30 19.81 -0.65
CA ASN A 217 -6.39 20.78 -1.27
C ASN A 217 -6.68 22.14 -0.63
N ASP A 218 -5.69 22.80 -0.03
CA ASP A 218 -5.93 24.09 0.62
C ASP A 218 -6.07 25.17 -0.45
N HIS A 219 -5.85 24.86 -1.73
CA HIS A 219 -5.99 25.80 -2.86
C HIS A 219 -5.03 27.01 -2.73
N LYS A 220 -3.88 26.87 -2.08
CA LYS A 220 -2.87 27.97 -2.00
C LYS A 220 -1.88 27.87 -3.15
N GLY A 221 -1.94 26.83 -3.96
CA GLY A 221 -0.93 26.62 -5.02
C GLY A 221 0.45 26.40 -4.43
N ASN A 222 0.52 25.86 -3.22
CA ASN A 222 1.79 25.54 -2.56
C ASN A 222 2.06 24.06 -2.78
N HIS A 223 3.07 23.67 -3.56
CA HIS A 223 3.34 22.24 -3.79
C HIS A 223 3.65 21.53 -2.44
N ASP A 224 4.11 22.26 -1.43
CA ASP A 224 4.50 21.62 -0.13
C ASP A 224 3.26 21.02 0.55
N THR A 225 2.10 21.65 0.42
CA THR A 225 0.85 21.17 1.06
C THR A 225 -0.07 20.45 0.06
N TRP A 226 0.15 20.58 -1.25
CA TRP A 226 -0.63 19.82 -2.28
C TRP A 226 0.24 19.58 -3.48
N PRO A 227 0.95 18.45 -3.48
CA PRO A 227 1.74 18.02 -4.62
C PRO A 227 0.94 17.17 -5.60
N PHE A 228 -0.35 16.95 -5.38
CA PHE A 228 -1.10 15.82 -5.98
C PHE A 228 -1.81 16.29 -7.26
N ASP A 229 -1.12 17.12 -8.07
CA ASP A 229 -1.62 17.41 -9.42
C ASP A 229 -0.69 16.81 -10.44
N SER A 230 -0.28 15.58 -10.23
CA SER A 230 0.59 14.87 -11.19
CA SER A 230 0.69 14.89 -11.11
C SER A 230 0.44 13.39 -10.96
N PRO A 231 0.77 12.58 -11.95
CA PRO A 231 0.46 11.14 -11.87
C PRO A 231 1.17 10.39 -10.73
N GLN A 232 0.49 9.36 -10.26
CA GLN A 232 1.01 8.44 -9.22
C GLN A 232 0.92 7.01 -9.74
N TYR A 233 1.84 6.16 -9.28
CA TYR A 233 1.77 4.72 -9.58
C TYR A 233 1.42 3.95 -8.33
N LEU A 234 0.97 2.70 -8.50
CA LEU A 234 0.45 1.87 -7.39
C LEU A 234 1.48 0.85 -6.94
N ILE A 235 1.39 0.52 -5.66
CA ILE A 235 2.36 -0.30 -4.92
C ILE A 235 1.59 -1.28 -4.04
N LEU A 236 1.97 -2.56 -4.07
CA LEU A 236 1.42 -3.57 -3.16
C LEU A 236 2.61 -4.26 -2.47
N ASN A 237 2.58 -4.42 -1.18
CA ASN A 237 3.69 -5.11 -0.47
C ASN A 237 3.23 -5.65 0.84
N VAL A 238 4.08 -6.51 1.38
CA VAL A 238 3.94 -6.92 2.79
C VAL A 238 5.30 -6.73 3.43
N ALA A 239 5.44 -5.66 4.22
CA ALA A 239 6.71 -5.48 4.97
C ALA A 239 6.69 -6.35 6.22
N ILE A 240 7.86 -6.50 6.83
CA ILE A 240 8.05 -7.27 8.07
C ILE A 240 8.88 -6.45 9.03
N GLY A 241 8.46 -6.38 10.26
CA GLY A 241 9.18 -5.55 11.22
C GLY A 241 8.83 -4.09 11.09
N GLY A 242 9.74 -3.25 11.54
CA GLY A 242 9.40 -1.83 11.73
C GLY A 242 8.11 -1.67 12.53
N TRP A 243 7.22 -0.81 12.04
CA TRP A 243 5.91 -0.60 12.71
C TRP A 243 5.20 -1.94 12.90
N GLY A 244 5.32 -2.87 11.95
CA GLY A 244 4.67 -4.18 12.06
C GLY A 244 5.23 -5.01 13.24
N GLY A 245 6.47 -4.71 13.68
CA GLY A 245 7.18 -5.44 14.72
C GLY A 245 7.23 -4.67 16.02
N GLN A 246 6.38 -3.68 16.21
CA GLN A 246 6.42 -2.87 17.44
C GLN A 246 6.21 -3.75 18.66
N GLN A 247 5.44 -4.84 18.55
CA GLN A 247 5.28 -5.85 19.65
C GLN A 247 5.97 -7.16 19.32
N GLY A 248 7.05 -7.11 18.56
CA GLY A 248 7.85 -8.29 18.24
C GLY A 248 7.39 -8.95 16.98
N VAL A 249 8.14 -9.95 16.59
CA VAL A 249 7.87 -10.74 15.39
C VAL A 249 7.54 -12.15 15.89
N ASP A 250 6.46 -12.71 15.39
CA ASP A 250 6.02 -14.06 15.82
C ASP A 250 6.61 -15.07 14.84
N ALA A 251 7.65 -15.81 15.19
CA ALA A 251 8.28 -16.76 14.26
C ALA A 251 7.21 -17.74 13.74
N ALA A 252 6.26 -18.10 14.58
CA ALA A 252 5.21 -19.11 14.25
C ALA A 252 4.21 -18.58 13.22
N ALA A 253 4.20 -17.28 12.94
CA ALA A 253 3.22 -16.69 12.03
C ALA A 253 3.58 -16.91 10.56
N PHE A 254 4.83 -17.26 10.28
CA PHE A 254 5.30 -17.44 8.91
C PHE A 254 4.97 -18.85 8.46
N PRO A 255 4.59 -19.07 7.20
CA PRO A 255 4.40 -17.99 6.21
C PRO A 255 3.02 -17.32 6.31
N SER A 256 2.95 -16.05 5.97
CA SER A 256 1.75 -15.22 6.03
C SER A 256 1.46 -14.55 4.68
N LYS A 257 0.21 -14.63 4.24
CA LYS A 257 -0.15 -14.15 2.89
C LYS A 257 -1.09 -12.91 2.98
N MET A 258 -0.89 -11.98 2.05
CA MET A 258 -1.94 -11.04 1.61
C MET A 258 -2.49 -11.52 0.28
N GLU A 259 -3.81 -11.60 0.16
CA GLU A 259 -4.47 -12.05 -1.07
C GLU A 259 -5.22 -10.86 -1.65
N VAL A 260 -4.86 -10.45 -2.85
CA VAL A 260 -5.51 -9.30 -3.53
C VAL A 260 -6.43 -9.81 -4.62
N ASP A 261 -7.73 -9.69 -4.44
CA ASP A 261 -8.68 -10.17 -5.46
C ASP A 261 -8.58 -9.34 -6.72
N TYR A 262 -8.55 -8.00 -6.60
CA TYR A 262 -8.44 -7.16 -7.81
C TYR A 262 -7.86 -5.82 -7.45
N VAL A 263 -7.39 -5.16 -8.51
CA VAL A 263 -7.07 -3.72 -8.54
C VAL A 263 -7.88 -3.13 -9.69
N ARG A 264 -8.67 -2.11 -9.40
CA ARG A 264 -9.45 -1.38 -10.40
C ARG A 264 -9.23 0.11 -10.28
N VAL A 265 -8.93 0.76 -11.39
CA VAL A 265 -8.73 2.21 -11.44
C VAL A 265 -9.74 2.82 -12.38
N TYR A 266 -10.47 3.82 -11.88
CA TYR A 266 -11.49 4.53 -12.64
C TYR A 266 -11.12 5.99 -12.79
N GLN A 267 -11.47 6.59 -13.93
CA GLN A 267 -11.22 8.01 -14.16
C GLN A 267 -12.26 8.57 -15.08
N LYS A 268 -12.36 9.89 -15.03
CA LYS A 268 -13.20 10.61 -15.98
C LYS A 268 -12.59 10.35 -17.34
N ARG A 269 -13.34 9.76 -18.23
CA ARG A 269 -12.88 9.72 -19.64
C ARG A 269 -14.05 9.46 -20.56
CA CA B . -9.58 -11.77 -8.71
C1 GOL C . 4.36 4.10 4.64
C1 GOL C . 4.21 4.17 4.83
C1 GOL C . 3.79 2.02 3.55
O1 GOL C . 5.18 5.28 4.66
O1 GOL C . 5.07 5.32 4.77
O1 GOL C . 3.78 1.12 4.67
C2 GOL C . 4.79 3.02 3.67
C2 GOL C . 4.63 3.07 3.86
C2 GOL C . 4.79 3.15 3.70
O2 GOL C . 5.02 3.53 2.34
O2 GOL C . 4.24 3.41 2.52
O2 GOL C . 4.86 4.02 2.54
C3 GOL C . 3.79 1.87 3.62
C3 GOL C . 6.12 2.80 3.98
C3 GOL C . 6.17 2.63 4.06
O3 GOL C . 3.80 1.05 4.79
O3 GOL C . 6.63 1.75 3.17
O3 GOL C . 6.77 1.84 3.04
#